data_5NVH
#
_entry.id   5NVH
#
_cell.length_a   90.760
_cell.length_b   98.250
_cell.length_c   119.300
_cell.angle_alpha   90.00
_cell.angle_beta   90.00
_cell.angle_gamma   90.00
#
_symmetry.space_group_name_H-M   'C 2 2 21'
#
loop_
_entity.id
_entity.type
_entity.pdbx_description
1 polymer Tankyrase-2
2 polymer Tankyrase-2
3 non-polymer 'SULFATE ION'
4 non-polymer 'ZINC ION'
5 non-polymer 2-(4-piperidin-1-ylphenyl)-3~{H}-quinazolin-4-one
6 non-polymer GLYCEROL
7 non-polymer DI(HYDROXYETHYL)ETHER
8 water water
#
loop_
_entity_poly.entity_id
_entity_poly.type
_entity_poly.pdbx_seq_one_letter_code
_entity_poly.pdbx_strand_id
1 'polypeptide(L)'
;MHHHHHHSSGVDLGTENLYFQSMLNTSGSGTILIDLSPDDKEFQSVEEEMQSTVREHRDGGHAGGIFNRYNILKIQKVCN
KKLWERYTHRRKEVSEENHNHANERMLFHGSPFVNAIIHKGFDERHAYIGGMFGAGIYFAENSSKSNQYVYGIGGGTGCP
VHKDRSCYICHRQLLFCRVTLGKSFLQFSAM
;
A,B
2 'polypeptide(L)' KMAHSPPGHHSVTGRPSVNGLALAEYVIYRGEQAYPEYLITYQIMRPEG I,J
#
loop_
_chem_comp.id
_chem_comp.type
_chem_comp.name
_chem_comp.formula
9B2 non-polymer 2-(4-piperidin-1-ylphenyl)-3~{H}-quinazolin-4-one 'C19 H19 N3 O'
GOL non-polymer GLYCEROL 'C3 H8 O3'
PEG non-polymer DI(HYDROXYETHYL)ETHER 'C4 H10 O3'
SO4 non-polymer 'SULFATE ION' 'O4 S -2'
ZN non-polymer 'ZINC ION' 'Zn 2'
#
# COMPACT_ATOMS: atom_id res chain seq x y z
N GLY A 30 -27.65 -25.07 2.91
CA GLY A 30 -27.79 -25.48 4.33
C GLY A 30 -27.53 -24.37 5.34
N THR A 31 -27.45 -23.11 4.89
CA THR A 31 -27.19 -22.01 5.81
C THR A 31 -28.48 -21.41 6.35
N ILE A 32 -28.49 -21.23 7.67
CA ILE A 32 -29.53 -20.44 8.29
CA ILE A 32 -29.53 -20.54 8.42
C ILE A 32 -28.88 -19.31 9.08
N LEU A 33 -29.59 -18.19 9.13
CA LEU A 33 -29.14 -16.97 9.80
C LEU A 33 -30.00 -16.73 11.01
N ILE A 34 -29.37 -16.63 12.18
CA ILE A 34 -30.11 -16.40 13.42
C ILE A 34 -29.81 -14.98 13.91
N ASP A 35 -30.87 -14.18 14.04
CA ASP A 35 -30.75 -12.82 14.57
C ASP A 35 -30.35 -12.85 16.04
N LEU A 36 -29.38 -12.01 16.39
CA LEU A 36 -29.06 -11.79 17.77
C LEU A 36 -29.80 -10.57 18.26
N SER A 37 -30.33 -10.67 19.48
CA SER A 37 -30.93 -9.53 20.14
C SER A 37 -29.84 -8.53 20.54
N PRO A 38 -30.11 -7.22 20.44
CA PRO A 38 -29.17 -6.25 20.99
C PRO A 38 -28.90 -6.36 22.49
N ASP A 39 -29.80 -7.04 23.23
CA ASP A 39 -29.63 -7.32 24.66
C ASP A 39 -28.70 -8.51 24.94
N ASP A 40 -28.34 -9.27 23.91
CA ASP A 40 -27.53 -10.46 24.04
C ASP A 40 -26.07 -10.02 24.19
N LYS A 41 -25.37 -10.58 25.18
CA LYS A 41 -23.96 -10.26 25.40
CA LYS A 41 -23.95 -10.25 25.40
C LYS A 41 -23.12 -10.54 24.15
N GLU A 42 -23.53 -11.55 23.38
CA GLU A 42 -22.86 -11.90 22.13
C GLU A 42 -23.00 -10.80 21.07
N PHE A 43 -24.20 -10.24 20.91
CA PHE A 43 -24.40 -9.08 20.03
C PHE A 43 -23.48 -7.94 20.49
N GLN A 44 -23.50 -7.67 21.78
CA GLN A 44 -22.76 -6.55 22.34
C GLN A 44 -21.25 -6.67 22.18
N SER A 45 -20.70 -7.87 22.31
CA SER A 45 -19.24 -8.04 22.16
C SER A 45 -18.81 -7.94 20.69
N VAL A 46 -19.66 -8.40 19.78
CA VAL A 46 -19.40 -8.26 18.32
C VAL A 46 -19.52 -6.77 17.93
N GLU A 47 -20.57 -6.07 18.37
CA GLU A 47 -20.68 -4.64 18.09
C GLU A 47 -19.46 -3.88 18.61
N GLU A 48 -19.00 -4.21 19.81
CA GLU A 48 -17.86 -3.49 20.40
C GLU A 48 -16.58 -3.70 19.56
N GLU A 49 -16.38 -4.91 19.05
CA GLU A 49 -15.21 -5.17 18.19
C GLU A 49 -15.33 -4.38 16.88
N MET A 50 -16.53 -4.32 16.32
CA MET A 50 -16.79 -3.51 15.13
C MET A 50 -16.49 -2.02 15.36
N GLN A 51 -17.06 -1.45 16.41
CA GLN A 51 -16.93 0.00 16.66
C GLN A 51 -15.53 0.38 17.08
N SER A 52 -14.91 -0.42 17.93
CA SER A 52 -13.64 -0.05 18.55
C SER A 52 -12.44 -0.20 17.63
N THR A 53 -12.62 -0.86 16.48
CA THR A 53 -11.53 -1.04 15.52
C THR A 53 -11.68 -0.17 14.28
N VAL A 54 -12.55 0.84 14.33
CA VAL A 54 -12.54 1.89 13.31
C VAL A 54 -11.28 2.75 13.46
N ARG A 55 -10.66 3.09 12.33
CA ARG A 55 -9.55 4.04 12.30
C ARG A 55 -9.69 4.96 11.12
N GLU A 56 -8.86 6.00 11.08
CA GLU A 56 -8.73 6.83 9.90
C GLU A 56 -7.85 6.12 8.89
N HIS A 57 -8.15 6.36 7.63
CA HIS A 57 -7.45 5.74 6.51
C HIS A 57 -6.68 6.75 5.70
N ARG A 58 -5.55 6.32 5.14
CA ARG A 58 -4.63 7.22 4.44
C ARG A 58 -5.22 7.80 3.14
N ASP A 59 -6.31 7.20 2.66
CA ASP A 59 -7.04 7.74 1.51
C ASP A 59 -8.06 8.84 1.84
N GLY A 60 -8.10 9.29 3.10
CA GLY A 60 -9.04 10.32 3.53
C GLY A 60 -10.51 9.94 3.44
N GLY A 61 -10.80 8.63 3.33
CA GLY A 61 -12.16 8.14 3.13
C GLY A 61 -12.55 7.81 1.70
N HIS A 62 -11.61 7.89 0.74
CA HIS A 62 -11.92 7.66 -0.67
C HIS A 62 -12.62 6.32 -0.92
N ALA A 63 -12.04 5.24 -0.39
CA ALA A 63 -12.53 3.90 -0.66
C ALA A 63 -13.76 3.55 0.17
N GLY A 64 -13.70 3.83 1.46
CA GLY A 64 -14.71 3.34 2.40
C GLY A 64 -15.70 4.36 2.92
N GLY A 65 -15.45 5.64 2.69
CA GLY A 65 -16.28 6.71 3.22
C GLY A 65 -15.68 7.42 4.41
N ILE A 66 -16.29 8.54 4.78
CA ILE A 66 -15.85 9.35 5.89
C ILE A 66 -16.75 9.07 7.09
N PHE A 67 -16.17 8.50 8.13
CA PHE A 67 -16.92 8.13 9.33
C PHE A 67 -15.97 7.80 10.48
N ASN A 68 -16.49 7.94 11.70
CA ASN A 68 -15.82 7.52 12.92
C ASN A 68 -16.48 6.35 13.63
N ARG A 69 -17.72 6.03 13.23
CA ARG A 69 -18.48 4.95 13.87
C ARG A 69 -19.59 4.48 12.94
N TYR A 70 -20.21 3.38 13.32
CA TYR A 70 -21.30 2.80 12.55
C TYR A 70 -22.62 2.84 13.31
N ASN A 71 -23.69 2.74 12.53
CA ASN A 71 -25.00 2.39 13.05
C ASN A 71 -25.20 0.92 12.73
N ILE A 72 -25.14 0.07 13.76
CA ILE A 72 -25.32 -1.36 13.59
C ILE A 72 -26.82 -1.62 13.51
N LEU A 73 -27.26 -2.25 12.42
CA LEU A 73 -28.67 -2.53 12.16
C LEU A 73 -29.06 -3.95 12.55
N LYS A 74 -28.17 -4.90 12.32
CA LYS A 74 -28.43 -6.30 12.60
C LYS A 74 -27.12 -7.06 12.74
N ILE A 75 -27.10 -8.04 13.64
CA ILE A 75 -26.02 -9.02 13.72
C ILE A 75 -26.67 -10.39 13.71
N GLN A 76 -26.29 -11.20 12.72
CA GLN A 76 -26.80 -12.56 12.57
C GLN A 76 -25.70 -13.59 12.71
N LYS A 77 -26.00 -14.66 13.43
CA LYS A 77 -25.13 -15.84 13.50
CA LYS A 77 -25.12 -15.83 13.49
C LYS A 77 -25.34 -16.65 12.24
N VAL A 78 -24.25 -17.05 11.59
CA VAL A 78 -24.31 -17.86 10.38
C VAL A 78 -24.11 -19.31 10.78
N CYS A 79 -25.10 -20.15 10.49
CA CYS A 79 -25.10 -21.55 10.92
C CYS A 79 -25.14 -22.45 9.69
N ASN A 80 -24.08 -23.19 9.46
CA ASN A 80 -24.04 -24.18 8.39
C ASN A 80 -23.14 -25.31 8.84
N LYS A 81 -23.74 -26.48 9.07
CA LYS A 81 -23.00 -27.61 9.64
C LYS A 81 -21.88 -28.12 8.73
N LYS A 82 -22.15 -28.24 7.43
CA LYS A 82 -21.15 -28.70 6.47
C LYS A 82 -19.95 -27.72 6.42
N LEU A 83 -20.24 -26.43 6.35
CA LEU A 83 -19.17 -25.42 6.30
C LEU A 83 -18.38 -25.37 7.60
N TRP A 84 -19.06 -25.59 8.74
CA TRP A 84 -18.38 -25.63 10.03
C TRP A 84 -17.45 -26.84 10.14
N GLU A 85 -17.93 -28.00 9.70
CA GLU A 85 -17.11 -29.21 9.73
C GLU A 85 -15.90 -29.12 8.81
N ARG A 86 -16.08 -28.47 7.66
CA ARG A 86 -14.99 -28.18 6.73
C ARG A 86 -13.94 -27.31 7.42
N TYR A 87 -14.41 -26.28 8.13
CA TYR A 87 -13.51 -25.42 8.91
C TYR A 87 -12.75 -26.20 10.00
N THR A 88 -13.46 -26.97 10.82
CA THR A 88 -12.83 -27.64 11.97
C THR A 88 -11.89 -28.76 11.53
N HIS A 89 -12.19 -29.39 10.38
CA HIS A 89 -11.32 -30.41 9.80
C HIS A 89 -9.96 -29.81 9.46
N ARG A 90 -9.99 -28.68 8.75
CA ARG A 90 -8.75 -27.99 8.38
C ARG A 90 -8.03 -27.45 9.62
N ARG A 91 -8.79 -26.94 10.58
CA ARG A 91 -8.21 -26.40 11.83
C ARG A 91 -7.38 -27.45 12.59
N LYS A 92 -7.92 -28.67 12.66
CA LYS A 92 -7.22 -29.78 13.26
C LYS A 92 -5.92 -30.12 12.49
N GLU A 93 -5.98 -30.13 11.15
CA GLU A 93 -4.79 -30.35 10.35
C GLU A 93 -3.71 -29.31 10.64
N VAL A 94 -4.13 -28.04 10.71
CA VAL A 94 -3.17 -26.96 10.98
C VAL A 94 -2.62 -27.06 12.40
N SER A 95 -3.50 -27.26 13.37
CA SER A 95 -3.11 -27.42 14.78
CA SER A 95 -3.06 -27.37 14.76
CA SER A 95 -3.08 -27.41 14.77
C SER A 95 -2.04 -28.51 14.92
N GLU A 96 -2.30 -29.65 14.30
CA GLU A 96 -1.36 -30.79 14.38
C GLU A 96 -0.01 -30.52 13.74
N GLU A 97 0.04 -29.61 12.75
CA GLU A 97 1.30 -29.17 12.13
C GLU A 97 2.02 -28.05 12.91
N ASN A 98 1.42 -27.59 14.01
CA ASN A 98 1.89 -26.38 14.70
C ASN A 98 1.74 -26.55 16.21
N HIS A 99 2.35 -27.62 16.75
CA HIS A 99 2.32 -27.93 18.19
C HIS A 99 0.97 -27.68 18.88
N ASN A 100 -0.07 -28.24 18.26
CA ASN A 100 -1.44 -28.18 18.75
C ASN A 100 -1.96 -26.77 18.98
N HIS A 101 -1.59 -25.88 18.06
CA HIS A 101 -1.96 -24.46 18.14
C HIS A 101 -2.47 -23.99 16.78
N ALA A 102 -3.80 -23.82 16.68
CA ALA A 102 -4.42 -23.34 15.45
C ALA A 102 -4.15 -21.87 15.20
N ASN A 103 -3.83 -21.12 16.27
CA ASN A 103 -3.63 -19.66 16.19
C ASN A 103 -4.86 -19.01 15.54
N GLU A 104 -6.01 -19.29 16.16
CA GLU A 104 -7.30 -18.85 15.67
C GLU A 104 -7.61 -17.43 16.13
N ARG A 105 -8.04 -16.61 15.16
CA ARG A 105 -8.41 -15.22 15.41
C ARG A 105 -9.85 -14.95 14.95
N MET A 106 -10.44 -13.88 15.45
CA MET A 106 -11.68 -13.35 14.91
C MET A 106 -11.35 -12.07 14.15
N LEU A 107 -11.66 -12.06 12.86
CA LEU A 107 -11.22 -11.02 11.92
C LEU A 107 -12.34 -10.62 10.97
N PHE A 108 -12.25 -9.41 10.44
CA PHE A 108 -13.28 -8.89 9.53
C PHE A 108 -12.96 -9.21 8.08
N HIS A 109 -14.02 -9.39 7.29
CA HIS A 109 -13.92 -9.54 5.84
C HIS A 109 -15.04 -8.75 5.19
N GLY A 110 -14.68 -7.86 4.28
CA GLY A 110 -15.64 -7.14 3.46
C GLY A 110 -15.50 -7.56 2.02
N SER A 111 -16.63 -7.73 1.34
CA SER A 111 -16.63 -8.22 -0.03
C SER A 111 -17.99 -8.01 -0.67
N PRO A 112 -18.03 -7.77 -1.99
CA PRO A 112 -19.35 -7.78 -2.65
C PRO A 112 -20.01 -9.16 -2.66
N PHE A 113 -19.27 -10.22 -2.35
CA PHE A 113 -19.77 -11.58 -2.43
C PHE A 113 -20.06 -12.21 -1.06
N VAL A 114 -20.33 -11.38 -0.06
CA VAL A 114 -20.67 -11.89 1.27
C VAL A 114 -21.86 -12.85 1.25
N ASN A 115 -22.86 -12.60 0.41
CA ASN A 115 -24.01 -13.53 0.30
CA ASN A 115 -23.99 -13.53 0.39
C ASN A 115 -23.59 -14.89 -0.22
N ALA A 116 -22.69 -14.93 -1.20
CA ALA A 116 -22.12 -16.19 -1.69
C ALA A 116 -21.30 -16.92 -0.62
N ILE A 117 -20.55 -16.15 0.17
CA ILE A 117 -19.68 -16.73 1.19
C ILE A 117 -20.48 -17.45 2.28
N ILE A 118 -21.56 -16.84 2.74
CA ILE A 118 -22.32 -17.42 3.85
C ILE A 118 -23.04 -18.70 3.42
N HIS A 119 -23.32 -18.83 2.13
CA HIS A 119 -24.01 -20.02 1.61
C HIS A 119 -23.08 -21.13 1.13
N LYS A 120 -21.95 -20.76 0.54
CA LYS A 120 -21.04 -21.73 -0.12
C LYS A 120 -19.66 -21.85 0.52
N GLY A 121 -19.33 -20.95 1.44
CA GLY A 121 -18.02 -20.94 2.08
C GLY A 121 -17.02 -20.12 1.31
N PHE A 122 -15.88 -19.86 1.95
CA PHE A 122 -14.76 -19.20 1.28
C PHE A 122 -14.09 -20.20 0.34
N ASP A 123 -13.61 -19.71 -0.79
CA ASP A 123 -12.79 -20.51 -1.72
C ASP A 123 -12.02 -19.55 -2.65
N GLU A 124 -11.28 -20.11 -3.60
CA GLU A 124 -10.46 -19.31 -4.55
C GLU A 124 -11.15 -18.17 -5.30
N ARG A 125 -12.48 -18.26 -5.48
CA ARG A 125 -13.26 -17.17 -6.09
C ARG A 125 -13.33 -15.91 -5.22
N HIS A 126 -13.00 -16.04 -3.94
CA HIS A 126 -13.04 -14.91 -2.99
C HIS A 126 -11.68 -14.29 -2.71
N ALA A 127 -10.67 -14.77 -3.44
CA ALA A 127 -9.30 -14.30 -3.29
C ALA A 127 -9.09 -12.96 -3.95
N TYR A 128 -8.20 -12.17 -3.36
CA TYR A 128 -7.79 -10.90 -3.91
C TYR A 128 -6.49 -11.15 -4.70
N ILE A 129 -6.65 -11.32 -6.01
CA ILE A 129 -5.54 -11.72 -6.86
C ILE A 129 -4.41 -10.68 -6.79
N GLY A 130 -4.78 -9.39 -6.80
CA GLY A 130 -3.81 -8.30 -6.77
C GLY A 130 -3.39 -7.78 -5.40
N GLY A 131 -3.66 -8.54 -4.34
CA GLY A 131 -3.30 -8.10 -3.01
C GLY A 131 -1.79 -8.05 -2.78
N MET A 132 -1.40 -7.24 -1.81
CA MET A 132 0.02 -6.96 -1.48
C MET A 132 0.80 -8.22 -1.11
N PHE A 133 0.10 -9.24 -0.62
CA PHE A 133 0.72 -10.49 -0.19
C PHE A 133 0.32 -11.67 -1.05
N GLY A 134 -0.02 -11.40 -2.31
CA GLY A 134 -0.36 -12.44 -3.25
C GLY A 134 -1.81 -12.82 -3.22
N ALA A 135 -2.17 -13.72 -4.12
CA ALA A 135 -3.53 -14.13 -4.36
C ALA A 135 -4.00 -15.05 -3.24
N GLY A 136 -4.68 -14.45 -2.26
CA GLY A 136 -5.26 -15.20 -1.17
C GLY A 136 -6.49 -14.43 -0.70
N ILE A 137 -7.07 -14.92 0.40
CA ILE A 137 -8.25 -14.32 1.00
C ILE A 137 -7.81 -13.46 2.17
N TYR A 138 -8.20 -12.20 2.15
CA TYR A 138 -7.69 -11.18 3.05
C TYR A 138 -8.69 -10.88 4.17
N PHE A 139 -8.14 -10.67 5.37
CA PHE A 139 -8.92 -10.33 6.56
C PHE A 139 -8.25 -9.19 7.31
N ALA A 140 -9.03 -8.42 8.06
CA ALA A 140 -8.48 -7.27 8.77
C ALA A 140 -8.87 -7.27 10.25
N GLU A 141 -7.95 -6.83 11.10
CA GLU A 141 -8.29 -6.45 12.48
C GLU A 141 -9.15 -5.19 12.55
N ASN A 142 -8.87 -4.22 11.70
CA ASN A 142 -9.66 -3.00 11.64
C ASN A 142 -10.93 -3.23 10.83
N SER A 143 -12.10 -3.12 11.46
CA SER A 143 -13.35 -3.20 10.70
C SER A 143 -13.40 -2.18 9.56
N SER A 144 -12.85 -0.98 9.79
CA SER A 144 -12.87 0.05 8.75
C SER A 144 -12.01 -0.30 7.53
N LYS A 145 -10.98 -1.14 7.71
CA LYS A 145 -10.21 -1.65 6.58
C LYS A 145 -11.10 -2.55 5.71
N SER A 146 -11.77 -3.52 6.32
CA SER A 146 -12.68 -4.38 5.57
C SER A 146 -13.84 -3.58 4.95
N ASN A 147 -14.29 -2.52 5.61
CA ASN A 147 -15.34 -1.65 5.04
C ASN A 147 -14.94 -1.04 3.67
N GLN A 148 -13.64 -0.84 3.46
CA GLN A 148 -13.17 -0.35 2.15
C GLN A 148 -13.40 -1.32 0.99
N TYR A 149 -13.73 -2.58 1.27
CA TYR A 149 -13.91 -3.61 0.26
C TYR A 149 -15.35 -4.08 0.06
N VAL A 150 -16.29 -3.52 0.82
CA VAL A 150 -17.71 -3.90 0.75
C VAL A 150 -18.27 -3.73 -0.67
N TYR A 151 -17.90 -2.64 -1.33
CA TYR A 151 -18.34 -2.36 -2.69
C TYR A 151 -17.31 -2.70 -3.78
N GLY A 152 -16.28 -3.45 -3.43
CA GLY A 152 -15.26 -3.89 -4.36
C GLY A 152 -13.90 -3.34 -3.98
N ILE A 153 -12.90 -3.69 -4.78
CA ILE A 153 -11.52 -3.20 -4.56
C ILE A 153 -11.51 -1.68 -4.68
N GLY A 154 -10.90 -1.01 -3.69
CA GLY A 154 -10.88 0.45 -3.65
C GLY A 154 -12.27 1.08 -3.48
N GLY A 155 -13.22 0.30 -2.98
CA GLY A 155 -14.60 0.76 -2.88
C GLY A 155 -15.38 0.70 -4.19
N GLY A 156 -14.77 0.21 -5.27
CA GLY A 156 -15.44 0.11 -6.57
C GLY A 156 -16.01 1.45 -7.00
N THR A 157 -17.28 1.44 -7.39
CA THR A 157 -18.01 2.67 -7.71
C THR A 157 -18.98 3.07 -6.60
N GLY A 158 -18.81 2.51 -5.40
CA GLY A 158 -19.67 2.84 -4.27
C GLY A 158 -20.95 2.04 -4.30
N CYS A 159 -21.93 2.50 -3.54
CA CYS A 159 -23.18 1.77 -3.37
C CYS A 159 -23.89 1.62 -4.71
N PRO A 160 -24.61 0.49 -4.92
CA PRO A 160 -25.30 0.32 -6.21
C PRO A 160 -26.37 1.37 -6.55
N VAL A 161 -27.04 1.90 -5.52
CA VAL A 161 -28.15 2.84 -5.71
C VAL A 161 -27.69 4.26 -6.04
N HIS A 162 -26.73 4.79 -5.26
CA HIS A 162 -26.28 6.19 -5.42
C HIS A 162 -24.87 6.35 -5.99
N LYS A 163 -24.14 5.25 -6.23
CA LYS A 163 -22.75 5.29 -6.72
C LYS A 163 -21.86 6.14 -5.82
N ASP A 164 -22.06 6.01 -4.52
CA ASP A 164 -21.39 6.83 -3.52
C ASP A 164 -20.60 5.91 -2.60
N ARG A 165 -19.27 6.01 -2.65
CA ARG A 165 -18.45 5.20 -1.74
C ARG A 165 -18.59 5.61 -0.28
N SER A 166 -19.07 6.85 -0.03
CA SER A 166 -19.34 7.33 1.32
C SER A 166 -20.83 7.41 1.63
N CYS A 167 -21.63 6.54 1.01
CA CYS A 167 -23.08 6.58 1.20
C CYS A 167 -23.44 6.33 2.67
N TYR A 168 -24.25 7.21 3.23
CA TYR A 168 -24.72 7.10 4.61
C TYR A 168 -26.12 6.50 4.70
N ILE A 169 -26.73 6.22 3.54
CA ILE A 169 -28.10 5.70 3.48
C ILE A 169 -28.11 4.18 3.31
N CYS A 170 -27.37 3.69 2.33
CA CYS A 170 -27.43 2.28 1.94
C CYS A 170 -26.85 1.34 3.01
N HIS A 171 -27.49 0.19 3.15
CA HIS A 171 -27.08 -0.82 4.12
C HIS A 171 -25.90 -1.58 3.60
N ARG A 172 -24.87 -1.71 4.45
CA ARG A 172 -23.66 -2.44 4.14
C ARG A 172 -23.61 -3.70 4.96
N GLN A 173 -22.84 -4.68 4.49
CA GLN A 173 -22.60 -5.89 5.26
C GLN A 173 -21.13 -6.27 5.35
N LEU A 174 -20.69 -6.66 6.54
CA LEU A 174 -19.37 -7.25 6.76
C LEU A 174 -19.56 -8.61 7.41
N LEU A 175 -18.54 -9.46 7.25
CA LEU A 175 -18.43 -10.70 7.99
C LEU A 175 -17.39 -10.57 9.10
N PHE A 176 -17.73 -11.12 10.27
CA PHE A 176 -16.76 -11.27 11.37
C PHE A 176 -16.51 -12.77 11.45
N CYS A 177 -15.29 -13.16 11.13
CA CYS A 177 -14.96 -14.54 10.77
C CYS A 177 -13.99 -15.17 11.73
N ARG A 178 -14.13 -16.47 11.93
CA ARG A 178 -13.17 -17.27 12.68
C ARG A 178 -12.13 -17.75 11.66
N VAL A 179 -10.87 -17.41 11.93
CA VAL A 179 -9.78 -17.64 10.98
C VAL A 179 -8.63 -18.38 11.64
N THR A 180 -8.21 -19.49 11.03
CA THR A 180 -7.06 -20.25 11.47
C THR A 180 -5.81 -19.72 10.76
N LEU A 181 -4.88 -19.15 11.53
CA LEU A 181 -3.62 -18.64 10.96
C LEU A 181 -2.48 -19.64 10.98
N GLY A 182 -2.53 -20.59 11.91
CA GLY A 182 -1.39 -21.49 12.15
C GLY A 182 -0.09 -20.72 12.31
N LYS A 183 0.98 -21.28 11.77
CA LYS A 183 2.25 -20.58 11.63
C LYS A 183 2.17 -19.52 10.54
N SER A 184 2.23 -18.26 10.94
CA SER A 184 2.00 -17.15 10.01
C SER A 184 3.31 -16.49 9.63
N PHE A 185 3.51 -16.26 8.35
CA PHE A 185 4.69 -15.58 7.84
C PHE A 185 4.55 -14.08 8.08
N LEU A 186 5.52 -13.49 8.77
CA LEU A 186 5.47 -12.09 9.15
C LEU A 186 6.08 -11.23 8.06
N GLN A 187 5.27 -10.34 7.48
CA GLN A 187 5.71 -9.42 6.46
C GLN A 187 5.59 -8.02 7.04
N PHE A 188 6.72 -7.32 7.18
CA PHE A 188 6.73 -5.94 7.63
C PHE A 188 6.44 -5.15 6.34
N SER A 189 5.57 -4.15 6.41
CA SER A 189 5.15 -3.46 5.17
C SER A 189 4.51 -2.11 5.40
N ALA A 190 4.63 -1.23 4.40
CA ALA A 190 3.97 0.08 4.39
C ALA A 190 2.48 -0.07 4.12
N MET B 2 -5.63 -19.40 -6.46
CA MET B 2 -4.88 -18.82 -5.34
C MET B 2 -3.42 -19.25 -5.33
N ALA B 3 -2.58 -18.39 -4.74
CA ALA B 3 -1.18 -18.74 -4.48
C ALA B 3 -1.12 -19.76 -3.34
N HIS B 4 0.09 -20.23 -3.05
CA HIS B 4 0.34 -21.08 -1.89
C HIS B 4 0.86 -20.21 -0.76
N SER B 5 0.63 -20.65 0.49
CA SER B 5 1.29 -20.04 1.65
C SER B 5 2.79 -20.17 1.46
N PRO B 6 3.58 -19.28 2.08
CA PRO B 6 5.02 -19.49 2.05
C PRO B 6 5.37 -20.87 2.63
N PRO B 7 6.34 -21.59 2.04
CA PRO B 7 6.70 -22.90 2.58
C PRO B 7 6.91 -22.90 4.10
N GLY B 8 6.33 -23.89 4.77
CA GLY B 8 6.40 -24.01 6.22
C GLY B 8 5.43 -23.11 6.98
N HIS B 9 4.53 -22.42 6.28
CA HIS B 9 3.58 -21.48 6.89
C HIS B 9 2.15 -21.76 6.41
N HIS B 10 1.16 -21.33 7.19
CA HIS B 10 -0.26 -21.50 6.88
C HIS B 10 -1.00 -20.21 6.54
N SER B 11 -0.33 -19.07 6.64
CA SER B 11 -0.91 -17.76 6.41
C SER B 11 0.20 -16.74 6.33
N VAL B 12 -0.17 -15.51 5.98
CA VAL B 12 0.73 -14.35 6.02
C VAL B 12 0.11 -13.27 6.90
N THR B 13 0.94 -12.64 7.72
CA THR B 13 0.54 -11.50 8.51
C THR B 13 1.18 -10.27 7.90
N GLY B 14 0.36 -9.29 7.56
CA GLY B 14 0.83 -7.99 7.08
C GLY B 14 0.91 -7.07 8.27
N ARG B 15 2.12 -6.85 8.78
CA ARG B 15 2.35 -5.92 9.88
CA ARG B 15 2.36 -5.90 9.87
C ARG B 15 2.53 -4.49 9.36
N PRO B 16 1.76 -3.53 9.88
CA PRO B 16 2.04 -2.15 9.42
C PRO B 16 3.41 -1.64 9.92
N SER B 17 4.21 -1.06 9.02
CA SER B 17 5.57 -0.51 9.31
C SER B 17 5.70 1.03 9.21
N VAL B 18 4.59 1.73 8.91
CA VAL B 18 4.60 3.20 8.71
C VAL B 18 3.50 3.85 9.57
N ASN B 19 2.25 3.47 9.33
CA ASN B 19 1.11 3.97 10.09
C ASN B 19 1.06 3.27 11.43
N GLY B 20 1.52 3.99 12.45
CA GLY B 20 1.49 3.54 13.83
C GLY B 20 0.14 3.20 14.38
N LEU B 21 -0.97 3.68 13.77
CA LEU B 21 -2.30 3.34 14.32
C LEU B 21 -2.99 2.15 13.64
N ALA B 22 -2.46 1.69 12.52
CA ALA B 22 -3.08 0.58 11.77
C ALA B 22 -2.90 -0.73 12.50
N LEU B 23 -3.95 -1.56 12.48
CA LEU B 23 -3.83 -2.92 12.96
C LEU B 23 -3.43 -3.86 11.81
N ALA B 24 -3.12 -5.10 12.16
CA ALA B 24 -2.65 -6.07 11.19
C ALA B 24 -3.74 -6.52 10.22
N GLU B 25 -3.28 -7.00 9.08
CA GLU B 25 -4.11 -7.67 8.07
C GLU B 25 -3.52 -9.04 7.84
N TYR B 26 -4.35 -9.99 7.42
CA TYR B 26 -3.93 -11.38 7.32
C TYR B 26 -4.41 -11.99 6.01
N VAL B 27 -3.66 -12.97 5.51
CA VAL B 27 -4.02 -13.65 4.28
C VAL B 27 -3.93 -15.14 4.48
N ILE B 28 -4.98 -15.85 4.06
CA ILE B 28 -4.98 -17.31 4.01
C ILE B 28 -5.09 -17.73 2.54
N TYR B 29 -4.61 -18.92 2.26
CA TYR B 29 -4.55 -19.44 0.89
C TYR B 29 -5.39 -20.70 0.71
N ARG B 30 -6.19 -21.02 1.72
CA ARG B 30 -7.11 -22.15 1.73
C ARG B 30 -8.43 -21.61 2.27
N GLY B 31 -9.51 -21.70 1.49
CA GLY B 31 -10.82 -21.24 1.95
C GLY B 31 -11.33 -21.94 3.21
N GLU B 32 -10.86 -23.17 3.43
CA GLU B 32 -11.25 -23.95 4.59
C GLU B 32 -10.71 -23.40 5.91
N GLN B 33 -9.77 -22.44 5.84
CA GLN B 33 -9.20 -21.84 7.04
C GLN B 33 -9.99 -20.64 7.58
N ALA B 34 -11.20 -20.38 7.09
CA ALA B 34 -12.06 -19.34 7.67
C ALA B 34 -13.50 -19.81 7.68
N TYR B 35 -14.21 -19.43 8.72
CA TYR B 35 -15.64 -19.68 8.83
C TYR B 35 -16.34 -18.33 9.07
N PRO B 36 -17.37 -17.99 8.26
CA PRO B 36 -18.05 -16.71 8.41
C PRO B 36 -19.06 -16.73 9.56
N GLU B 37 -18.61 -16.43 10.78
CA GLU B 37 -19.42 -16.64 12.00
C GLU B 37 -20.58 -15.67 12.13
N TYR B 38 -20.33 -14.40 11.84
CA TYR B 38 -21.33 -13.35 11.99
C TYR B 38 -21.46 -12.52 10.73
N LEU B 39 -22.72 -12.24 10.37
CA LEU B 39 -23.06 -11.30 9.31
C LEU B 39 -23.58 -10.02 9.96
N ILE B 40 -22.86 -8.93 9.75
CA ILE B 40 -23.18 -7.65 10.37
C ILE B 40 -23.72 -6.71 9.30
N THR B 41 -24.94 -6.21 9.53
CA THR B 41 -25.57 -5.22 8.65
C THR B 41 -25.52 -3.85 9.34
N TYR B 42 -25.04 -2.83 8.61
CA TYR B 42 -24.76 -1.54 9.22
C TYR B 42 -24.78 -0.41 8.20
N GLN B 43 -24.79 0.81 8.72
CA GLN B 43 -24.50 1.99 7.92
C GLN B 43 -23.29 2.68 8.53
N ILE B 44 -22.51 3.35 7.70
CA ILE B 44 -21.52 4.29 8.22
C ILE B 44 -22.24 5.57 8.63
N MET B 45 -21.77 6.22 9.69
CA MET B 45 -22.41 7.43 10.20
CA MET B 45 -22.37 7.44 10.25
C MET B 45 -21.62 8.68 9.79
N ARG B 46 -22.35 9.71 9.38
CA ARG B 46 -21.75 10.99 9.00
C ARG B 46 -21.27 11.67 10.28
N PRO B 47 -19.98 12.04 10.34
CA PRO B 47 -19.51 12.77 11.52
C PRO B 47 -20.28 14.08 11.75
N GLU B 48 -20.55 14.40 13.02
CA GLU B 48 -21.29 15.62 13.38
C GLU B 48 -20.40 16.85 13.28
N GLY C 30 -2.74 16.87 5.83
CA GLY C 30 -3.14 17.45 4.51
C GLY C 30 -3.03 16.50 3.33
N THR C 31 -2.21 15.46 3.46
CA THR C 31 -1.97 14.53 2.36
C THR C 31 -2.96 13.36 2.39
N ILE C 32 -3.52 13.05 1.23
CA ILE C 32 -4.27 11.82 1.04
C ILE C 32 -3.62 11.01 -0.08
N LEU C 33 -3.69 9.69 0.05
CA LEU C 33 -3.10 8.77 -0.90
C LEU C 33 -4.22 7.99 -1.55
N ILE C 34 -4.29 8.02 -2.88
CA ILE C 34 -5.36 7.36 -3.63
C ILE C 34 -4.76 6.19 -4.41
N ASP C 35 -5.20 4.98 -4.11
CA ASP C 35 -4.74 3.78 -4.84
C ASP C 35 -5.18 3.83 -6.29
N LEU C 36 -4.24 3.54 -7.19
CA LEU C 36 -4.56 3.35 -8.60
C LEU C 36 -4.81 1.89 -8.89
N SER C 37 -5.84 1.61 -9.71
CA SER C 37 -6.12 0.25 -10.12
C SER C 37 -5.07 -0.25 -11.11
N PRO C 38 -4.60 -1.52 -10.97
CA PRO C 38 -3.72 -2.06 -12.01
C PRO C 38 -4.33 -2.10 -13.42
N ASP C 39 -5.65 -2.05 -13.51
CA ASP C 39 -6.35 -1.95 -14.81
C ASP C 39 -6.38 -0.54 -15.43
N ASP C 40 -5.99 0.47 -14.66
CA ASP C 40 -5.89 1.88 -15.10
C ASP C 40 -4.66 2.07 -15.97
N LYS C 41 -4.82 2.78 -17.07
CA LYS C 41 -3.69 3.17 -17.91
C LYS C 41 -2.63 3.99 -17.15
N GLU C 42 -3.05 4.78 -16.16
CA GLU C 42 -2.09 5.56 -15.35
C GLU C 42 -1.18 4.66 -14.53
N PHE C 43 -1.75 3.67 -13.86
CA PHE C 43 -0.95 2.64 -13.17
C PHE C 43 0.04 1.99 -14.12
N GLN C 44 -0.46 1.56 -15.28
CA GLN C 44 0.37 0.82 -16.23
C GLN C 44 1.50 1.68 -16.77
N SER C 45 1.23 2.97 -16.94
CA SER C 45 2.25 3.90 -17.42
C SER C 45 3.39 4.07 -16.42
N VAL C 46 3.03 4.22 -15.16
CA VAL C 46 4.02 4.38 -14.10
C VAL C 46 4.82 3.08 -13.94
N GLU C 47 4.13 1.94 -13.94
CA GLU C 47 4.85 0.67 -13.86
C GLU C 47 5.83 0.52 -15.02
N GLU C 48 5.42 0.89 -16.23
CA GLU C 48 6.31 0.73 -17.39
C GLU C 48 7.52 1.66 -17.26
N GLU C 49 7.31 2.86 -16.74
CA GLU C 49 8.45 3.76 -16.49
C GLU C 49 9.40 3.17 -15.45
N MET C 50 8.87 2.57 -14.38
CA MET C 50 9.72 1.83 -13.43
C MET C 50 10.53 0.71 -14.10
N GLN C 51 9.81 -0.19 -14.78
CA GLN C 51 10.43 -1.39 -15.28
C GLN C 51 11.43 -1.10 -16.41
N SER C 52 11.07 -0.17 -17.29
CA SER C 52 11.85 0.09 -18.50
C SER C 52 13.14 0.86 -18.21
N THR C 53 13.27 1.42 -17.00
CA THR C 53 14.46 2.20 -16.64
C THR C 53 15.33 1.50 -15.59
N VAL C 54 15.14 0.20 -15.41
CA VAL C 54 16.10 -0.59 -14.66
C VAL C 54 17.33 -0.75 -15.54
N ARG C 55 18.51 -0.55 -14.94
CA ARG C 55 19.76 -0.87 -15.60
C ARG C 55 20.69 -1.63 -14.65
N GLU C 56 21.77 -2.13 -15.21
CA GLU C 56 22.85 -2.67 -14.38
C GLU C 56 23.66 -1.53 -13.79
N HIS C 57 24.17 -1.75 -12.59
CA HIS C 57 24.97 -0.78 -11.87
C HIS C 57 26.37 -1.29 -11.67
N ARG C 58 27.32 -0.36 -11.69
CA ARG C 58 28.75 -0.66 -11.63
C ARG C 58 29.20 -1.24 -10.28
N ASP C 59 28.37 -1.13 -9.24
CA ASP C 59 28.64 -1.77 -7.97
C ASP C 59 28.22 -3.24 -7.88
N GLY C 60 27.77 -3.81 -9.00
CA GLY C 60 27.38 -5.21 -9.06
C GLY C 60 26.13 -5.54 -8.26
N GLY C 61 25.38 -4.51 -7.87
CA GLY C 61 24.22 -4.67 -6.97
C GLY C 61 24.46 -4.39 -5.51
N HIS C 62 25.67 -3.98 -5.13
CA HIS C 62 25.99 -3.73 -3.74
C HIS C 62 24.97 -2.84 -3.02
N ALA C 63 24.63 -1.70 -3.60
CA ALA C 63 23.80 -0.71 -2.91
C ALA C 63 22.32 -1.05 -2.98
N GLY C 64 21.84 -1.38 -4.18
CA GLY C 64 20.41 -1.55 -4.44
C GLY C 64 19.91 -2.98 -4.57
N GLY C 65 20.82 -3.95 -4.69
CA GLY C 65 20.46 -5.34 -4.90
C GLY C 65 20.65 -5.82 -6.32
N ILE C 66 20.51 -7.13 -6.50
CA ILE C 66 20.65 -7.80 -7.78
C ILE C 66 19.25 -8.09 -8.33
N PHE C 67 18.93 -7.44 -9.44
CA PHE C 67 17.61 -7.59 -10.09
C PHE C 67 17.59 -6.99 -11.49
N ASN C 68 16.69 -7.51 -12.31
CA ASN C 68 16.41 -6.94 -13.63
C ASN C 68 15.02 -6.32 -13.72
N ARG C 69 14.16 -6.60 -12.75
CA ARG C 69 12.80 -6.09 -12.76
C ARG C 69 12.23 -6.08 -11.35
N TYR C 70 11.08 -5.43 -11.21
CA TYR C 70 10.39 -5.30 -9.94
C TYR C 70 9.07 -6.05 -9.96
N ASN C 71 8.61 -6.39 -8.75
CA ASN C 71 7.23 -6.73 -8.52
C ASN C 71 6.53 -5.49 -7.93
N ILE C 72 5.67 -4.84 -8.73
CA ILE C 72 4.97 -3.64 -8.29
C ILE C 72 3.77 -4.08 -7.48
N LEU C 73 3.72 -3.66 -6.23
CA LEU C 73 2.66 -4.05 -5.29
C LEU C 73 1.51 -3.05 -5.23
N LYS C 74 1.85 -1.77 -5.29
CA LYS C 74 0.88 -0.69 -5.20
C LYS C 74 1.43 0.59 -5.82
N ILE C 75 0.55 1.37 -6.44
CA ILE C 75 0.90 2.71 -6.91
C ILE C 75 -0.19 3.64 -6.41
N GLN C 76 0.20 4.65 -5.63
CA GLN C 76 -0.73 5.63 -5.08
C GLN C 76 -0.44 7.03 -5.59
N LYS C 77 -1.52 7.73 -5.94
CA LYS C 77 -1.47 9.17 -6.20
C LYS C 77 -1.41 9.93 -4.87
N VAL C 78 -0.48 10.88 -4.78
CA VAL C 78 -0.28 11.69 -3.59
C VAL C 78 -0.95 13.04 -3.80
N CYS C 79 -1.92 13.37 -2.95
CA CYS C 79 -2.72 14.58 -3.12
C CYS C 79 -2.56 15.46 -1.91
N ASN C 80 -1.97 16.64 -2.09
CA ASN C 80 -1.88 17.63 -1.03
C ASN C 80 -2.01 19.01 -1.67
N LYS C 81 -3.11 19.70 -1.37
CA LYS C 81 -3.41 21.01 -1.96
C LYS C 81 -2.32 22.05 -1.65
N LYS C 82 -1.94 22.16 -0.39
CA LYS C 82 -0.92 23.12 0.05
C LYS C 82 0.42 22.87 -0.63
N LEU C 83 0.85 21.60 -0.67
CA LEU C 83 2.11 21.25 -1.33
C LEU C 83 2.06 21.46 -2.84
N TRP C 84 0.91 21.17 -3.46
CA TRP C 84 0.74 21.39 -4.89
C TRP C 84 0.85 22.88 -5.21
N GLU C 85 0.16 23.71 -4.43
CA GLU C 85 0.22 25.16 -4.60
C GLU C 85 1.62 25.73 -4.40
N ARG C 86 2.36 25.20 -3.42
CA ARG C 86 3.76 25.57 -3.20
C ARG C 86 4.59 25.24 -4.44
N TYR C 87 4.37 24.03 -4.99
CA TYR C 87 5.04 23.60 -6.22
C TYR C 87 4.72 24.52 -7.42
N THR C 88 3.44 24.78 -7.67
CA THR C 88 3.03 25.53 -8.86
C THR C 88 3.43 27.00 -8.80
N HIS C 89 3.47 27.55 -7.58
CA HIS C 89 3.96 28.92 -7.37
C HIS C 89 5.43 29.02 -7.77
N ARG C 90 6.24 28.08 -7.32
CA ARG C 90 7.67 28.08 -7.66
C ARG C 90 7.86 27.79 -9.15
N ARG C 91 7.07 26.86 -9.70
CA ARG C 91 7.16 26.53 -11.13
C ARG C 91 6.94 27.78 -12.00
N LYS C 92 5.94 28.59 -11.63
CA LYS C 92 5.67 29.84 -12.36
C LYS C 92 6.82 30.83 -12.25
N GLU C 93 7.43 30.95 -11.07
CA GLU C 93 8.62 31.80 -10.90
C GLU C 93 9.75 31.36 -11.82
N VAL C 94 10.02 30.05 -11.80
CA VAL C 94 11.10 29.47 -12.61
C VAL C 94 10.78 29.60 -14.11
N SER C 95 9.54 29.29 -14.50
CA SER C 95 9.12 29.38 -15.90
C SER C 95 9.38 30.78 -16.45
N GLU C 96 8.97 31.78 -15.68
CA GLU C 96 9.11 33.20 -16.09
C GLU C 96 10.58 33.61 -16.17
N GLU C 97 11.41 33.17 -15.23
CA GLU C 97 12.85 33.42 -15.27
C GLU C 97 13.53 32.76 -16.45
N ASN C 98 13.02 31.58 -16.85
CA ASN C 98 13.58 30.84 -17.98
C ASN C 98 12.74 31.05 -19.27
N HIS C 99 12.23 32.27 -19.45
CA HIS C 99 11.58 32.69 -20.69
C HIS C 99 10.40 31.80 -21.09
N ASN C 100 9.54 31.55 -20.10
CA ASN C 100 8.29 30.79 -20.22
CA ASN C 100 8.29 30.80 -20.24
C ASN C 100 8.54 29.31 -20.54
N HIS C 101 9.51 28.72 -19.83
CA HIS C 101 9.83 27.29 -19.98
C HIS C 101 10.17 26.70 -18.61
N ALA C 102 9.22 25.96 -18.04
CA ALA C 102 9.44 25.30 -16.74
C ALA C 102 10.46 24.16 -16.84
N ASN C 103 10.51 23.51 -17.99
CA ASN C 103 11.39 22.35 -18.21
C ASN C 103 11.07 21.29 -17.15
N GLU C 104 9.80 20.92 -17.12
CA GLU C 104 9.26 20.01 -16.11
C GLU C 104 9.37 18.56 -16.57
N ARG C 105 9.84 17.70 -15.66
CA ARG C 105 10.10 16.30 -15.92
C ARG C 105 9.38 15.45 -14.87
N MET C 106 9.21 14.18 -15.20
CA MET C 106 8.86 13.15 -14.20
C MET C 106 10.12 12.30 -13.94
N LEU C 107 10.50 12.23 -12.66
CA LEU C 107 11.77 11.65 -12.23
C LEU C 107 11.62 10.88 -10.92
N PHE C 108 12.44 9.84 -10.74
CA PHE C 108 12.40 9.04 -9.52
C PHE C 108 13.17 9.65 -8.36
N HIS C 109 12.70 9.40 -7.13
CA HIS C 109 13.44 9.75 -5.90
C HIS C 109 13.30 8.59 -4.92
N GLY C 110 14.44 8.11 -4.44
CA GLY C 110 14.50 7.08 -3.40
C GLY C 110 15.11 7.68 -2.16
N SER C 111 14.54 7.38 -0.99
CA SER C 111 14.99 7.97 0.26
C SER C 111 14.38 7.24 1.45
N PRO C 112 15.14 7.10 2.56
CA PRO C 112 14.50 6.60 3.78
C PRO C 112 13.41 7.52 4.34
N PHE C 113 13.35 8.78 3.88
CA PHE C 113 12.37 9.74 4.38
C PHE C 113 11.18 9.99 3.44
N VAL C 114 10.86 9.01 2.59
CA VAL C 114 9.70 9.11 1.70
C VAL C 114 8.39 9.42 2.44
N ASN C 115 8.20 8.85 3.63
CA ASN C 115 6.99 9.10 4.40
C ASN C 115 6.95 10.56 4.90
N ALA C 116 8.09 11.12 5.29
CA ALA C 116 8.15 12.55 5.60
C ALA C 116 7.91 13.44 4.38
N ILE C 117 8.46 13.06 3.22
CA ILE C 117 8.30 13.87 2.01
C ILE C 117 6.84 14.00 1.58
N ILE C 118 6.08 12.91 1.61
CA ILE C 118 4.70 12.96 1.13
C ILE C 118 3.78 13.82 2.02
N HIS C 119 4.14 13.95 3.29
CA HIS C 119 3.35 14.73 4.25
C HIS C 119 3.77 16.18 4.36
N LYS C 120 5.08 16.44 4.31
CA LYS C 120 5.65 17.77 4.54
C LYS C 120 6.25 18.42 3.30
N GLY C 121 6.45 17.66 2.23
CA GLY C 121 7.08 18.16 1.01
C GLY C 121 8.60 18.05 1.07
N PHE C 122 9.23 18.28 -0.07
CA PHE C 122 10.68 18.35 -0.13
C PHE C 122 11.19 19.67 0.49
N ASP C 123 12.36 19.61 1.11
CA ASP C 123 13.05 20.78 1.68
C ASP C 123 14.51 20.40 1.97
N GLU C 124 15.29 21.32 2.56
CA GLU C 124 16.73 21.10 2.79
C GLU C 124 17.11 19.83 3.56
N ARG C 125 16.23 19.34 4.43
CA ARG C 125 16.46 18.08 5.16
C ARG C 125 16.58 16.86 4.24
N HIS C 126 16.08 16.96 3.01
CA HIS C 126 16.12 15.86 2.05
C HIS C 126 17.26 15.96 1.03
N ALA C 127 18.14 16.95 1.23
CA ALA C 127 19.28 17.17 0.34
C ALA C 127 20.40 16.18 0.64
N TYR C 128 21.09 15.79 -0.43
CA TYR C 128 22.24 14.90 -0.35
C TYR C 128 23.46 15.80 -0.33
N ILE C 129 23.98 16.04 0.88
CA ILE C 129 25.01 17.06 1.10
C ILE C 129 26.29 16.68 0.35
N GLY C 130 26.65 15.40 0.37
CA GLY C 130 27.84 14.91 -0.32
C GLY C 130 27.66 14.42 -1.74
N GLY C 131 26.57 14.82 -2.41
CA GLY C 131 26.36 14.43 -3.80
C GLY C 131 27.38 15.06 -4.74
N MET C 132 27.66 14.37 -5.84
CA MET C 132 28.71 14.81 -6.78
C MET C 132 28.44 16.13 -7.49
N PHE C 133 27.18 16.56 -7.57
CA PHE C 133 26.82 17.84 -8.16
C PHE C 133 26.38 18.85 -7.11
N GLY C 134 26.94 18.73 -5.90
CA GLY C 134 26.68 19.67 -4.81
C GLY C 134 25.52 19.29 -3.94
N ALA C 135 25.35 20.08 -2.88
CA ALA C 135 24.35 19.83 -1.84
C ALA C 135 22.96 20.24 -2.29
N GLY C 136 22.22 19.29 -2.84
CA GLY C 136 20.86 19.54 -3.30
C GLY C 136 20.07 18.25 -3.24
N ILE C 137 18.86 18.30 -3.80
CA ILE C 137 17.96 17.15 -3.79
C ILE C 137 18.06 16.44 -5.15
N TYR C 138 18.33 15.14 -5.10
CA TYR C 138 18.70 14.37 -6.28
C TYR C 138 17.56 13.51 -6.81
N PHE C 139 17.42 13.49 -8.13
CA PHE C 139 16.42 12.70 -8.83
C PHE C 139 17.08 11.93 -9.97
N ALA C 140 16.46 10.82 -10.37
CA ALA C 140 17.01 9.96 -11.42
C ALA C 140 16.01 9.61 -12.50
N GLU C 141 16.50 9.53 -13.74
CA GLU C 141 15.77 8.88 -14.83
C GLU C 141 15.70 7.36 -14.68
N ASN C 142 16.76 6.74 -14.15
CA ASN C 142 16.77 5.28 -13.92
C ASN C 142 16.11 5.00 -12.58
N SER C 143 14.99 4.30 -12.59
CA SER C 143 14.39 3.82 -11.35
C SER C 143 15.39 3.08 -10.46
N SER C 144 16.24 2.27 -11.08
CA SER C 144 17.20 1.47 -10.31
C SER C 144 18.28 2.31 -9.63
N LYS C 145 18.57 3.49 -10.16
CA LYS C 145 19.46 4.44 -9.48
C LYS C 145 18.81 4.93 -8.17
N SER C 146 17.56 5.39 -8.24
CA SER C 146 16.85 5.77 -7.01
C SER C 146 16.68 4.61 -6.03
N ASN C 147 16.50 3.39 -6.55
CA ASN C 147 16.41 2.20 -5.69
C ASN C 147 17.66 2.02 -4.79
N GLN C 148 18.82 2.48 -5.27
CA GLN C 148 20.04 2.44 -4.48
C GLN C 148 20.02 3.30 -3.22
N TYR C 149 19.04 4.22 -3.10
CA TYR C 149 18.95 5.15 -1.98
C TYR C 149 17.77 4.89 -1.05
N VAL C 150 16.97 3.87 -1.35
CA VAL C 150 15.78 3.58 -0.54
C VAL C 150 16.12 3.30 0.92
N TYR C 151 17.22 2.61 1.17
CA TYR C 151 17.67 2.30 2.53
C TYR C 151 18.81 3.21 3.02
N GLY C 152 19.04 4.31 2.29
CA GLY C 152 20.06 5.29 2.64
C GLY C 152 21.16 5.37 1.60
N ILE C 153 22.12 6.25 1.86
CA ILE C 153 23.26 6.42 0.98
C ILE C 153 24.02 5.11 0.88
N GLY C 154 24.29 4.67 -0.35
CA GLY C 154 24.94 3.41 -0.60
C GLY C 154 24.13 2.18 -0.21
N GLY C 155 22.81 2.36 -0.07
CA GLY C 155 21.91 1.33 0.44
C GLY C 155 21.93 1.13 1.95
N GLY C 156 22.63 2.01 2.68
CA GLY C 156 22.80 1.87 4.13
C GLY C 156 23.19 0.46 4.52
N THR C 157 22.46 -0.10 5.49
CA THR C 157 22.63 -1.47 5.91
C THR C 157 21.53 -2.39 5.33
N GLY C 158 20.81 -1.93 4.31
CA GLY C 158 19.76 -2.72 3.68
C GLY C 158 18.48 -2.66 4.47
N CYS C 159 17.60 -3.62 4.24
CA CYS C 159 16.28 -3.62 4.87
C CYS C 159 16.40 -3.72 6.38
N PRO C 160 15.46 -3.09 7.13
CA PRO C 160 15.49 -3.21 8.59
C PRO C 160 15.42 -4.62 9.16
N VAL C 161 14.58 -5.47 8.56
CA VAL C 161 14.30 -6.80 9.09
C VAL C 161 15.49 -7.75 8.90
N HIS C 162 16.09 -7.74 7.72
CA HIS C 162 17.14 -8.73 7.38
C HIS C 162 18.54 -8.14 7.21
N LYS C 163 18.67 -6.82 7.26
CA LYS C 163 19.95 -6.13 6.97
C LYS C 163 20.54 -6.57 5.63
N ASP C 164 19.69 -6.60 4.60
CA ASP C 164 20.06 -7.15 3.30
C ASP C 164 19.74 -6.08 2.26
N ARG C 165 20.78 -5.51 1.66
CA ARG C 165 20.58 -4.54 0.59
C ARG C 165 19.93 -5.14 -0.67
N SER C 166 20.00 -6.47 -0.83
CA SER C 166 19.34 -7.16 -1.94
C SER C 166 18.11 -7.96 -1.48
N CYS C 167 17.46 -7.49 -0.43
CA CYS C 167 16.33 -8.23 0.11
C CYS C 167 15.23 -8.32 -0.92
N TYR C 168 14.75 -9.55 -1.16
CA TYR C 168 13.65 -9.84 -2.10
C TYR C 168 12.31 -9.99 -1.40
N ILE C 169 12.32 -9.89 -0.07
CA ILE C 169 11.12 -10.08 0.75
C ILE C 169 10.47 -8.76 1.12
N CYS C 170 11.27 -7.86 1.70
CA CYS C 170 10.74 -6.63 2.28
C CYS C 170 10.26 -5.65 1.21
N HIS C 171 9.18 -4.95 1.53
CA HIS C 171 8.58 -3.98 0.61
C HIS C 171 9.35 -2.69 0.63
N ARG C 172 9.64 -2.14 -0.55
CA ARG C 172 10.32 -0.88 -0.73
C ARG C 172 9.36 0.15 -1.27
N GLN C 173 9.69 1.42 -1.07
CA GLN C 173 8.94 2.51 -1.67
C GLN C 173 9.85 3.49 -2.40
N LEU C 174 9.40 3.92 -3.59
CA LEU C 174 10.04 4.99 -4.39
C LEU C 174 8.99 6.06 -4.66
N LEU C 175 9.45 7.29 -4.90
CA LEU C 175 8.56 8.34 -5.40
C LEU C 175 8.83 8.59 -6.86
N PHE C 176 7.78 8.89 -7.61
CA PHE C 176 7.88 9.34 -9.01
C PHE C 176 7.30 10.75 -8.97
N CYS C 177 8.18 11.72 -9.22
CA CYS C 177 7.93 13.11 -8.87
C CYS C 177 7.92 14.02 -10.07
N ARG C 178 7.10 15.05 -9.98
CA ARG C 178 7.12 16.16 -10.93
C ARG C 178 8.21 17.13 -10.48
N VAL C 179 9.17 17.42 -11.36
CA VAL C 179 10.36 18.20 -11.03
C VAL C 179 10.53 19.33 -12.02
N THR C 180 10.64 20.55 -11.51
CA THR C 180 10.85 21.74 -12.37
C THR C 180 12.36 21.96 -12.49
N LEU C 181 12.91 21.81 -13.69
CA LEU C 181 14.36 22.00 -13.89
C LEU C 181 14.78 23.41 -14.25
N GLY C 182 13.88 24.16 -14.88
CA GLY C 182 14.23 25.46 -15.45
C GLY C 182 15.43 25.38 -16.39
N LYS C 183 16.21 26.44 -16.42
CA LYS C 183 17.55 26.42 -17.00
C LYS C 183 18.46 25.49 -16.23
N SER C 184 18.83 24.36 -16.84
CA SER C 184 19.60 23.35 -16.18
C SER C 184 21.05 23.37 -16.64
N PHE C 185 21.96 23.39 -15.68
CA PHE C 185 23.40 23.41 -15.99
C PHE C 185 23.83 21.98 -16.32
N LEU C 186 24.31 21.79 -17.55
CA LEU C 186 24.77 20.47 -17.96
C LEU C 186 26.16 20.15 -17.41
N GLN C 187 26.26 19.10 -16.60
CA GLN C 187 27.52 18.64 -16.05
C GLN C 187 27.73 17.21 -16.53
N PHE C 188 28.73 17.00 -17.39
CA PHE C 188 29.11 15.64 -17.75
C PHE C 188 29.84 15.03 -16.56
N SER C 189 29.57 13.75 -16.34
CA SER C 189 30.08 13.05 -15.18
C SER C 189 30.87 11.86 -15.67
N ALA C 190 31.94 11.54 -14.94
CA ALA C 190 32.81 10.43 -15.31
C ALA C 190 32.21 9.04 -15.01
N MET C 191 30.97 8.98 -14.49
CA MET C 191 30.29 7.70 -14.24
C MET C 191 29.77 7.11 -15.55
N MET D 2 21.88 23.35 2.39
CA MET D 2 21.61 23.18 0.91
C MET D 2 22.31 24.29 0.10
N ALA D 3 23.02 23.88 -0.95
CA ALA D 3 23.78 24.80 -1.80
C ALA D 3 22.85 25.63 -2.69
N HIS D 4 23.43 26.62 -3.37
CA HIS D 4 22.71 27.41 -4.36
C HIS D 4 22.92 26.78 -5.73
N SER D 5 21.99 27.04 -6.64
CA SER D 5 22.14 26.63 -8.03
C SER D 5 23.30 27.40 -8.67
N PRO D 6 23.85 26.87 -9.77
CA PRO D 6 24.81 27.66 -10.57
C PRO D 6 24.19 28.99 -11.00
N PRO D 7 24.97 30.09 -10.97
CA PRO D 7 24.44 31.40 -11.39
C PRO D 7 23.67 31.35 -12.71
N GLY D 8 22.44 31.87 -12.69
CA GLY D 8 21.58 31.88 -13.86
C GLY D 8 20.95 30.54 -14.22
N HIS D 9 21.04 29.56 -13.32
CA HIS D 9 20.47 28.21 -13.54
C HIS D 9 19.59 27.82 -12.35
N HIS D 10 18.64 26.92 -12.60
CA HIS D 10 17.70 26.44 -11.57
C HIS D 10 17.91 24.99 -11.15
N SER D 11 18.83 24.29 -11.80
CA SER D 11 19.11 22.89 -11.51
C SER D 11 20.40 22.51 -12.19
N VAL D 12 20.85 21.29 -11.92
CA VAL D 12 21.99 20.69 -12.60
C VAL D 12 21.53 19.38 -13.20
N THR D 13 21.98 19.12 -14.43
CA THR D 13 21.80 17.85 -15.12
C THR D 13 23.14 17.14 -15.08
N GLY D 14 23.19 16.03 -14.36
CA GLY D 14 24.37 15.18 -14.27
C GLY D 14 24.25 14.08 -15.29
N ARG D 15 25.07 14.14 -16.33
CA ARG D 15 24.93 13.22 -17.44
C ARG D 15 26.13 12.28 -17.51
N PRO D 16 25.93 11.00 -17.19
CA PRO D 16 27.02 10.03 -17.30
C PRO D 16 27.61 10.03 -18.71
N SER D 17 28.94 10.16 -18.81
CA SER D 17 29.64 10.16 -20.10
C SER D 17 30.44 8.88 -20.39
N VAL D 18 30.55 7.96 -19.43
CA VAL D 18 31.30 6.70 -19.63
C VAL D 18 30.35 5.54 -19.88
N ASN D 19 29.42 5.31 -18.96
CA ASN D 19 28.42 4.25 -19.14
C ASN D 19 27.32 4.76 -20.07
N GLY D 20 27.31 4.25 -21.29
CA GLY D 20 26.38 4.69 -22.32
C GLY D 20 24.93 4.34 -22.09
N LEU D 21 24.66 3.40 -21.18
CA LEU D 21 23.30 3.01 -20.84
C LEU D 21 22.78 3.70 -19.59
N ALA D 22 23.61 4.48 -18.91
CA ALA D 22 23.19 5.17 -17.69
C ALA D 22 22.50 6.45 -18.09
N LEU D 23 21.31 6.68 -17.54
CA LEU D 23 20.53 7.88 -17.83
C LEU D 23 20.92 9.01 -16.89
N ALA D 24 20.34 10.19 -17.08
CA ALA D 24 20.76 11.35 -16.34
C ALA D 24 20.24 11.35 -14.92
N GLU D 25 20.92 12.14 -14.10
CA GLU D 25 20.53 12.42 -12.73
C GLU D 25 20.42 13.91 -12.64
N TYR D 26 19.54 14.40 -11.79
CA TYR D 26 19.25 15.83 -11.71
C TYR D 26 19.25 16.30 -10.28
N VAL D 27 19.68 17.54 -10.09
CA VAL D 27 19.73 18.15 -8.76
C VAL D 27 19.01 19.48 -8.79
N ILE D 28 18.13 19.68 -7.80
CA ILE D 28 17.49 20.96 -7.53
C ILE D 28 17.96 21.43 -6.17
N TYR D 29 17.91 22.73 -5.97
CA TYR D 29 18.40 23.38 -4.74
C TYR D 29 17.30 24.08 -3.95
N ARG D 30 16.07 23.93 -4.40
CA ARG D 30 14.88 24.43 -3.72
C ARG D 30 13.90 23.26 -3.68
N GLY D 31 13.44 22.88 -2.48
CA GLY D 31 12.43 21.83 -2.35
C GLY D 31 11.10 22.10 -3.04
N GLU D 32 10.77 23.37 -3.23
CA GLU D 32 9.55 23.77 -3.94
C GLU D 32 9.54 23.42 -5.43
N GLN D 33 10.70 23.05 -5.99
CA GLN D 33 10.79 22.60 -7.39
C GLN D 33 10.49 21.12 -7.61
N ALA D 34 10.02 20.41 -6.60
CA ALA D 34 9.56 19.03 -6.79
C ALA D 34 8.26 18.76 -6.05
N TYR D 35 7.40 17.95 -6.66
CA TYR D 35 6.16 17.50 -6.04
C TYR D 35 6.12 15.96 -6.12
N PRO D 36 5.88 15.27 -4.99
CA PRO D 36 5.91 13.80 -4.97
C PRO D 36 4.61 13.16 -5.46
N GLU D 37 4.46 13.07 -6.77
CA GLU D 37 3.16 12.77 -7.38
C GLU D 37 2.64 11.35 -7.16
N TYR D 38 3.54 10.37 -7.25
CA TYR D 38 3.20 8.96 -7.08
C TYR D 38 4.08 8.31 -6.04
N LEU D 39 3.46 7.48 -5.19
CA LEU D 39 4.18 6.65 -4.22
C LEU D 39 4.05 5.21 -4.68
N ILE D 40 5.19 4.58 -4.94
CA ILE D 40 5.24 3.24 -5.54
C ILE D 40 5.79 2.25 -4.52
N THR D 41 5.02 1.19 -4.24
CA THR D 41 5.44 0.14 -3.30
C THR D 41 5.77 -1.08 -4.12
N TYR D 42 6.94 -1.67 -3.89
CA TYR D 42 7.45 -2.73 -4.75
C TYR D 42 8.45 -3.63 -4.02
N GLN D 43 8.74 -4.76 -4.66
CA GLN D 43 9.88 -5.59 -4.32
C GLN D 43 10.81 -5.67 -5.51
N ILE D 44 12.11 -5.77 -5.26
CA ILE D 44 13.00 -6.24 -6.32
C ILE D 44 12.82 -7.76 -6.50
N MET D 45 12.97 -8.25 -7.73
N MET D 45 12.96 -8.23 -7.74
CA MET D 45 12.77 -9.67 -8.03
CA MET D 45 12.80 -9.65 -8.08
C MET D 45 14.09 -10.37 -8.29
C MET D 45 14.15 -10.32 -8.21
N ARG D 46 14.26 -11.54 -7.68
CA ARG D 46 15.47 -12.35 -7.86
C ARG D 46 15.53 -12.85 -9.30
N PRO D 47 16.64 -12.58 -10.04
CA PRO D 47 16.74 -13.12 -11.39
C PRO D 47 16.68 -14.66 -11.40
N GLU D 48 16.10 -15.23 -12.46
CA GLU D 48 15.93 -16.70 -12.55
C GLU D 48 17.15 -17.35 -13.19
S SO4 E . -5.00 2.88 4.68
S SO4 E . -4.69 2.47 4.82
O1 SO4 E . -5.91 3.56 3.73
O1 SO4 E . -3.85 1.44 5.48
O2 SO4 E . -3.68 2.70 4.05
O2 SO4 E . -4.09 2.86 3.51
O3 SO4 E . -4.90 3.68 5.91
O3 SO4 E . -4.89 3.65 5.69
O4 SO4 E . -5.54 1.54 5.02
O4 SO4 E . -6.04 1.95 4.49
S SO4 F . -19.15 11.35 15.22
O1 SO4 F . -20.11 10.37 14.66
O2 SO4 F . -17.99 11.47 14.31
O3 SO4 F . -19.78 12.69 15.32
O4 SO4 F . -18.68 10.88 16.54
ZN ZN G . -26.38 4.53 -1.42
CAS 9B2 H . -13.52 -10.76 -4.33
CAT 9B2 H . -13.38 -11.66 -5.49
CAU 9B2 H . -13.50 -10.77 -6.69
CAV 9B2 H . -12.25 -9.95 -6.84
CAW 9B2 H . -11.88 -9.18 -5.56
NAR 9B2 H . -12.53 -9.65 -4.29
CAO 9B2 H . -12.12 -9.15 -3.06
CAP 9B2 H . -12.81 -9.43 -1.88
CAQ 9B2 H . -12.36 -8.96 -0.65
CAN 9B2 H . -10.95 -8.39 -2.94
CAM 9B2 H . -10.52 -7.91 -1.71
CAL 9B2 H . -11.23 -8.16 -0.54
CAD 9B2 H . -10.74 -7.73 0.72
NAE 9B2 H . -9.46 -7.34 0.83
CAF 9B2 H . -8.95 -6.96 2.02
CAK 9B2 H . -7.62 -6.56 2.04
CAJ 9B2 H . -7.04 -6.19 3.25
CAI 9B2 H . -7.77 -6.22 4.44
CAH 9B2 H . -9.11 -6.64 4.41
CAG 9B2 H . -9.70 -7.02 3.21
CAB 9B2 H . -11.04 -7.42 3.13
OAA 9B2 H . -11.80 -7.47 4.09
NAC 9B2 H . -11.52 -7.78 1.89
C1 GOL I . 5.98 0.54 15.56
O1 GOL I . 7.10 -0.18 16.08
C2 GOL I . 6.29 1.46 14.37
O2 GOL I . 7.22 0.90 13.44
C3 GOL I . 4.98 1.77 13.65
O3 GOL I . 5.00 3.14 13.19
C1 PEG J . -20.62 -21.44 15.51
O1 PEG J . -19.27 -21.70 15.92
C2 PEG J . -20.87 -22.03 14.14
O2 PEG J . -21.54 -23.30 14.25
C3 PEG J . -22.93 -23.34 13.92
C4 PEG J . -23.15 -24.26 12.71
O4 PEG J . -23.42 -25.60 13.16
S SO4 K . 26.27 3.25 -10.99
S SO4 K . 26.34 3.05 -10.94
O1 SO4 K . 25.10 4.14 -11.01
O1 SO4 K . 25.05 3.45 -10.32
O2 SO4 K . 26.31 2.43 -12.21
O2 SO4 K . 26.34 2.24 -12.18
O3 SO4 K . 27.50 4.07 -10.91
O3 SO4 K . 27.60 3.67 -10.47
O4 SO4 K . 26.18 2.36 -9.82
O4 SO4 K . 26.20 4.24 -11.81
S SO4 L . 14.60 -12.19 -14.60
O1 SO4 L . 13.82 -11.91 -15.82
O2 SO4 L . 14.71 -13.65 -14.38
O3 SO4 L . 13.95 -11.54 -13.43
O4 SO4 L . 15.97 -11.68 -14.76
ZN ZN M . 14.26 -7.79 4.29
CAS 9B2 N . 18.29 12.10 2.79
CAT 9B2 N . 18.36 12.78 4.11
CAU 9B2 N . 19.59 12.30 4.84
CAV 9B2 N . 20.80 12.65 4.06
CAW 9B2 N . 20.88 11.77 2.82
NAR 9B2 N . 19.55 11.61 2.11
CAO 9B2 N . 19.47 11.22 0.80
CAP 9B2 N . 18.23 11.02 0.17
CAQ 9B2 N . 18.15 10.67 -1.18
CAN 9B2 N . 20.62 11.05 0.01
CAM 9B2 N . 20.54 10.70 -1.33
CAL 9B2 N . 19.30 10.46 -1.95
CAD 9B2 N . 19.22 10.18 -3.32
NAE 9B2 N . 20.27 10.43 -4.12
CAF 9B2 N . 20.20 10.23 -5.45
CAK 9B2 N . 21.34 10.49 -6.21
CAJ 9B2 N . 21.31 10.31 -7.58
CAI 9B2 N . 20.14 9.88 -8.21
CAH 9B2 N . 18.99 9.62 -7.46
CAG 9B2 N . 19.03 9.79 -6.08
CAB 9B2 N . 17.92 9.52 -5.28
OAA 9B2 N . 16.83 9.10 -5.73
NAC 9B2 N . 18.02 9.74 -3.92
C1 GOL O . 23.83 -4.82 -10.70
O1 GOL O . 22.88 -3.82 -11.05
C2 GOL O . 23.64 -6.02 -11.62
O2 GOL O . 24.87 -6.75 -11.79
C3 GOL O . 22.58 -6.90 -11.00
O3 GOL O . 21.34 -6.20 -10.91
#